data_5CE1
#
_entry.id   5CE1
#
_cell.length_a   59.583
_cell.length_b   47.678
_cell.length_c   60.784
_cell.angle_alpha   90.00
_cell.angle_beta   105.30
_cell.angle_gamma   90.00
#
_symmetry.space_group_name_H-M   'P 1 21 1'
#
loop_
_entity.id
_entity.type
_entity.pdbx_description
1 polymer 'Serine protease hepsin'
2 non-polymer 2-[6-(1-hydroxycyclohexyl)pyridin-2-yl]-1H-indole-5-carboximidamide
3 water water
#
_entity_poly.entity_id   1
_entity_poly.type   'polypeptide(L)'
_entity_poly.pdbx_seq_one_letter_code
;SDQEPLYPVQVSSADARLMVFDKTEGTWRLLCSSRSNARVAGLSCEEMGFLRALTHSELDVRTAGANGTSGFFCVDEGRL
PHTQRLLEVISVCDCPRGRFLAAICQDCGRRKLPVDRIVGGRDTSLGRWPWQVSLRYDGAHLCGGSLLSGDWVLTAAHCF
PERNRVLSRWRVFAGAVAQASPHGLQLGVQAVVYHGGYLPFRDPNSEENSNDIALVHLSSPLPLTEYIQPVCLPAAGQAL
VDGKICTVTGWGNTQYYGQQAGVLQEARVPIISNDVCNGADFYGNQIKPKMFCAGYPEGGIDACQGDSGGPFVCEDSISR
TPRWRLCGIVSWGTGCALAQKPGVYTKVSDFREWIFQAIKTHSEASGMVTQL
;
_entity_poly.pdbx_strand_id   A
#
loop_
_chem_comp.id
_chem_comp.type
_chem_comp.name
_chem_comp.formula
50K non-polymer 2-[6-(1-hydroxycyclohexyl)pyridin-2-yl]-1H-indole-5-carboximidamide 'C20 H22 N4 O'
#
# COMPACT_ATOMS: atom_id res chain seq x y z
N GLU A 4 -12.26 -11.08 -12.92
CA GLU A 4 -10.94 -10.51 -12.55
C GLU A 4 -10.03 -10.36 -13.77
N PRO A 5 -10.13 -9.22 -14.50
CA PRO A 5 -9.11 -9.00 -15.54
C PRO A 5 -7.71 -8.90 -14.93
N LEU A 6 -6.94 -9.95 -15.20
CA LEU A 6 -5.53 -10.09 -14.87
C LEU A 6 -4.71 -8.84 -15.12
N TYR A 7 -3.75 -8.64 -14.23
CA TYR A 7 -2.71 -7.65 -14.45
C TYR A 7 -1.85 -8.18 -15.60
N PRO A 8 -1.41 -7.31 -16.51
CA PRO A 8 -0.51 -7.66 -17.63
C PRO A 8 0.89 -8.10 -17.26
N VAL A 9 1.27 -7.95 -16.01
CA VAL A 9 2.52 -8.49 -15.53
C VAL A 9 2.17 -9.46 -14.39
N GLN A 10 2.79 -10.63 -14.47
CA GLN A 10 2.61 -11.72 -13.48
C GLN A 10 3.94 -12.33 -13.16
N VAL A 11 3.95 -13.04 -12.04
CA VAL A 11 5.13 -13.77 -11.54
C VAL A 11 4.67 -15.14 -11.08
N SER A 12 5.32 -16.16 -11.59
CA SER A 12 4.95 -17.53 -11.24
C SER A 12 5.09 -17.75 -9.74
N SER A 13 4.06 -18.32 -9.13
CA SER A 13 4.19 -18.82 -7.77
C SER A 13 5.09 -20.08 -7.71
N ALA A 14 5.24 -20.81 -8.81
CA ALA A 14 6.08 -22.04 -8.81
C ALA A 14 7.58 -21.76 -8.73
N ASP A 15 8.04 -20.91 -9.65
CA ASP A 15 9.48 -20.69 -9.87
C ASP A 15 9.84 -19.23 -10.13
N ALA A 16 8.85 -18.36 -9.94
CA ALA A 16 9.10 -16.94 -9.94
C ALA A 16 9.41 -16.36 -11.33
N ARG A 17 9.12 -17.08 -12.40
CA ARG A 17 9.38 -16.52 -13.74
C ARG A 17 8.46 -15.36 -13.91
N LEU A 18 8.94 -14.29 -14.53
CA LEU A 18 8.09 -13.13 -14.89
C LEU A 18 7.46 -13.32 -16.26
N MET A 19 6.21 -12.92 -16.41
CA MET A 19 5.48 -13.06 -17.68
C MET A 19 4.71 -11.80 -17.92
N VAL A 20 4.75 -11.31 -19.15
CA VAL A 20 4.05 -10.11 -19.51
C VAL A 20 3.08 -10.43 -20.66
N PHE A 21 1.95 -9.75 -20.68
CA PHE A 21 0.93 -10.02 -21.69
C PHE A 21 1.20 -9.29 -23.02
N ASP A 22 1.06 -10.04 -24.12
CA ASP A 22 1.08 -9.46 -25.47
C ASP A 22 -0.32 -9.07 -25.98
N LYS A 23 -0.62 -7.78 -25.98
CA LYS A 23 -1.88 -7.28 -26.52
C LYS A 23 -2.13 -7.84 -27.93
N THR A 24 -1.12 -7.83 -28.79
CA THR A 24 -1.34 -8.07 -30.22
C THR A 24 -1.79 -9.52 -30.44
N GLU A 25 -1.45 -10.43 -29.54
CA GLU A 25 -1.66 -11.87 -29.77
C GLU A 25 -2.43 -12.63 -28.67
N GLY A 26 -2.67 -12.01 -27.52
CA GLY A 26 -3.36 -12.71 -26.43
C GLY A 26 -2.50 -13.72 -25.68
N THR A 27 -1.19 -13.77 -25.98
CA THR A 27 -0.22 -14.68 -25.33
C THR A 27 0.54 -14.04 -24.17
N TRP A 28 1.13 -14.88 -23.33
CA TRP A 28 2.11 -14.46 -22.30
C TRP A 28 3.50 -14.71 -22.86
N ARG A 29 4.43 -13.76 -22.63
CA ARG A 29 5.82 -13.91 -23.05
C ARG A 29 6.75 -13.73 -21.88
N LEU A 30 7.90 -14.40 -21.92
CA LEU A 30 8.87 -14.36 -20.82
C LEU A 30 9.74 -13.16 -21.06
N LEU A 31 10.57 -12.80 -20.08
CA LEU A 31 11.50 -11.69 -20.24
C LEU A 31 12.91 -12.21 -20.41
N CYS A 32 13.50 -11.75 -21.51
CA CYS A 32 14.77 -12.21 -21.91
C CYS A 32 15.79 -11.66 -20.94
N SER A 33 16.60 -12.52 -20.33
CA SER A 33 17.60 -12.08 -19.36
C SER A 33 18.60 -11.08 -19.96
N SER A 34 19.08 -10.14 -19.15
CA SER A 34 20.04 -9.17 -19.66
C SER A 34 20.95 -8.70 -18.53
N ARG A 35 21.93 -7.89 -18.90
CA ARG A 35 22.82 -7.30 -17.92
C ARG A 35 22.03 -6.55 -16.80
N SER A 36 20.92 -5.88 -17.15
CA SER A 36 20.07 -5.18 -16.16
C SER A 36 19.02 -6.03 -15.40
N ASN A 37 19.20 -7.35 -15.33
CA ASN A 37 18.24 -8.20 -14.62
C ASN A 37 17.72 -7.67 -13.27
N ALA A 38 18.60 -7.00 -12.54
CA ALA A 38 18.28 -6.57 -11.16
C ALA A 38 17.21 -5.49 -11.17
N ARG A 39 17.44 -4.39 -11.87
CA ARG A 39 16.41 -3.37 -11.97
C ARG A 39 15.14 -3.92 -12.68
N VAL A 40 15.31 -4.72 -13.73
CA VAL A 40 14.12 -5.29 -14.35
C VAL A 40 13.32 -6.07 -13.32
N ALA A 41 14.04 -6.77 -12.46
CA ALA A 41 13.37 -7.48 -11.40
C ALA A 41 12.60 -6.50 -10.50
N GLY A 42 13.26 -5.46 -10.01
CA GLY A 42 12.64 -4.60 -8.99
C GLY A 42 11.45 -3.89 -9.61
N LEU A 43 11.67 -3.45 -10.83
CA LEU A 43 10.70 -2.69 -11.57
C LEU A 43 9.49 -3.53 -11.79
N SER A 44 9.68 -4.82 -12.03
CA SER A 44 8.58 -5.73 -12.34
C SER A 44 7.76 -5.98 -11.09
N CYS A 45 8.44 -6.16 -9.98
CA CYS A 45 7.73 -6.27 -8.69
C CYS A 45 6.99 -4.96 -8.40
N GLU A 46 7.63 -3.84 -8.66
CA GLU A 46 6.97 -2.57 -8.37
C GLU A 46 5.67 -2.45 -9.16
N GLU A 47 5.81 -2.73 -10.46
CA GLU A 47 4.72 -2.72 -11.43
C GLU A 47 3.50 -3.45 -10.92
N MET A 48 3.68 -4.65 -10.37
CA MET A 48 2.55 -5.50 -9.93
C MET A 48 1.96 -5.09 -8.59
N GLY A 49 2.66 -4.21 -7.87
CA GLY A 49 2.20 -3.73 -6.58
C GLY A 49 2.91 -4.35 -5.39
N PHE A 50 3.92 -5.19 -5.61
CA PHE A 50 4.85 -5.56 -4.53
C PHE A 50 5.86 -4.40 -4.30
N LEU A 51 6.41 -4.31 -3.09
CA LEU A 51 7.37 -3.26 -2.74
C LEU A 51 8.70 -3.37 -3.50
N ARG A 52 9.27 -4.57 -3.59
CA ARG A 52 10.63 -4.77 -4.10
C ARG A 52 10.90 -6.21 -4.61
N ALA A 53 11.99 -6.43 -5.33
CA ALA A 53 12.43 -7.79 -5.61
C ALA A 53 13.43 -8.05 -4.54
N LEU A 54 13.21 -9.10 -3.73
CA LEU A 54 14.22 -9.53 -2.73
C LEU A 54 15.47 -10.12 -3.41
N THR A 55 15.25 -11.07 -4.31
CA THR A 55 16.33 -11.59 -5.12
C THR A 55 15.79 -11.83 -6.54
N HIS A 56 16.70 -12.03 -7.50
CA HIS A 56 16.38 -12.49 -8.86
C HIS A 56 17.28 -13.67 -9.34
N SER A 57 16.97 -14.20 -10.51
CA SER A 57 17.85 -15.14 -11.16
C SER A 57 17.49 -15.38 -12.62
N GLU A 58 18.43 -16.03 -13.30
CA GLU A 58 18.29 -16.48 -14.65
C GLU A 58 17.82 -17.90 -14.73
N LEU A 59 16.85 -18.13 -15.62
CA LEU A 59 16.38 -19.45 -15.95
C LEU A 59 16.62 -19.74 -17.44
N ASP A 60 16.59 -21.03 -17.81
CA ASP A 60 16.92 -21.47 -19.13
C ASP A 60 15.72 -22.28 -19.58
N VAL A 61 15.21 -22.02 -20.78
CA VAL A 61 14.02 -22.70 -21.30
C VAL A 61 14.29 -24.19 -21.63
N ARG A 62 15.55 -24.55 -21.94
CA ARG A 62 15.99 -25.96 -22.07
C ARG A 62 15.82 -26.76 -20.78
N THR A 63 16.12 -26.17 -19.63
CA THR A 63 15.92 -26.86 -18.35
C THR A 63 14.63 -26.51 -17.60
N ALA A 64 13.94 -25.45 -17.99
CA ALA A 64 12.80 -24.97 -17.22
C ALA A 64 11.40 -25.12 -17.87
N GLY A 65 11.32 -25.24 -19.19
CA GLY A 65 10.04 -25.20 -19.91
C GLY A 65 9.51 -23.77 -20.14
N ALA A 66 8.65 -23.61 -21.14
CA ALA A 66 7.99 -22.34 -21.40
C ALA A 66 6.87 -22.16 -20.38
N ASN A 67 6.36 -23.28 -19.87
CA ASN A 67 5.24 -23.27 -18.91
C ASN A 67 4.08 -22.31 -19.29
N GLY A 68 3.57 -22.41 -20.51
CA GLY A 68 2.40 -21.60 -20.92
C GLY A 68 2.67 -20.23 -21.53
N THR A 69 3.92 -20.01 -21.99
CA THR A 69 4.34 -18.76 -22.64
C THR A 69 4.70 -19.03 -24.11
N SER A 70 4.42 -18.05 -24.98
CA SER A 70 4.78 -18.12 -26.41
C SER A 70 5.81 -17.02 -26.75
N GLY A 71 7.09 -17.34 -26.65
CA GLY A 71 8.17 -16.37 -26.99
C GLY A 71 8.57 -15.41 -25.88
N PHE A 72 9.24 -14.32 -26.27
CA PHE A 72 9.98 -13.47 -25.35
C PHE A 72 9.84 -11.98 -25.59
N PHE A 73 9.91 -11.19 -24.53
CA PHE A 73 10.07 -9.75 -24.61
C PHE A 73 11.53 -9.42 -24.22
N CYS A 74 12.08 -8.38 -24.82
CA CYS A 74 13.36 -7.77 -24.42
C CYS A 74 13.16 -6.37 -23.83
N VAL A 75 14.01 -6.00 -22.89
CA VAL A 75 13.89 -4.77 -22.14
C VAL A 75 14.89 -3.79 -22.76
N ASP A 76 14.44 -2.56 -22.99
CA ASP A 76 15.33 -1.53 -23.49
C ASP A 76 16.09 -0.98 -22.30
N GLU A 77 17.33 -1.44 -22.15
CA GLU A 77 18.10 -1.13 -20.97
C GLU A 77 18.54 0.34 -20.89
N GLY A 78 18.59 1.02 -22.03
CA GLY A 78 18.91 2.44 -22.02
C GLY A 78 17.80 3.26 -21.37
N ARG A 79 16.57 2.92 -21.72
CA ARG A 79 15.41 3.58 -21.15
C ARG A 79 15.13 3.08 -19.74
N LEU A 80 15.52 1.84 -19.41
CA LEU A 80 15.11 1.20 -18.13
C LEU A 80 15.20 2.13 -16.91
N PRO A 81 16.38 2.73 -16.67
CA PRO A 81 16.56 3.46 -15.40
C PRO A 81 15.76 4.74 -15.26
N HIS A 82 15.07 5.14 -16.35
CA HIS A 82 14.29 6.36 -16.39
C HIS A 82 12.79 6.12 -16.54
N THR A 83 12.38 4.87 -16.77
CA THR A 83 10.96 4.59 -16.88
C THR A 83 10.30 4.39 -15.50
N GLN A 84 9.02 4.71 -15.47
CA GLN A 84 8.19 4.41 -14.34
C GLN A 84 7.30 3.18 -14.67
N ARG A 85 7.21 2.80 -15.96
CA ARG A 85 6.38 1.66 -16.39
C ARG A 85 7.21 0.59 -17.10
N LEU A 86 7.09 -0.68 -16.69
CA LEU A 86 7.74 -1.77 -17.41
C LEU A 86 7.17 -1.89 -18.80
N LEU A 87 5.85 -1.70 -18.96
CA LEU A 87 5.22 -1.88 -20.29
C LEU A 87 5.73 -0.91 -21.33
N GLU A 88 6.43 0.15 -20.90
CA GLU A 88 6.94 1.14 -21.85
C GLU A 88 8.28 0.77 -22.49
N VAL A 89 9.04 -0.15 -21.89
CA VAL A 89 10.41 -0.39 -22.29
C VAL A 89 10.67 -1.77 -22.91
N ILE A 90 9.60 -2.49 -23.26
CA ILE A 90 9.74 -3.85 -23.74
C ILE A 90 9.31 -3.93 -25.17
N SER A 91 9.97 -4.79 -25.92
CA SER A 91 9.59 -5.03 -27.31
C SER A 91 9.82 -6.48 -27.57
N VAL A 92 9.04 -7.05 -28.49
CA VAL A 92 9.19 -8.45 -28.86
C VAL A 92 10.58 -8.76 -29.42
N CYS A 93 11.15 -9.90 -29.00
CA CYS A 93 12.50 -10.24 -29.46
C CYS A 93 12.74 -11.76 -29.48
N ASP A 94 13.73 -12.18 -30.25
CA ASP A 94 14.05 -13.58 -30.44
C ASP A 94 14.74 -14.16 -29.22
N CYS A 95 15.49 -13.35 -28.47
CA CYS A 95 16.16 -13.87 -27.26
C CYS A 95 16.93 -15.18 -27.56
N PRO A 96 17.82 -15.16 -28.59
CA PRO A 96 18.57 -16.34 -29.11
C PRO A 96 18.97 -17.37 -28.06
N ARG A 97 19.52 -16.91 -26.94
CA ARG A 97 20.06 -17.82 -25.90
C ARG A 97 19.03 -18.52 -24.99
N GLY A 98 17.72 -18.22 -25.16
CA GLY A 98 16.65 -18.83 -24.35
C GLY A 98 16.79 -18.72 -22.84
N ARG A 99 17.53 -17.71 -22.37
CA ARG A 99 17.69 -17.48 -20.94
C ARG A 99 16.72 -16.34 -20.55
N PHE A 100 16.06 -16.49 -19.38
CA PHE A 100 14.97 -15.55 -19.03
C PHE A 100 14.98 -15.23 -17.56
N LEU A 101 14.22 -14.20 -17.20
CA LEU A 101 14.37 -13.61 -15.92
C LEU A 101 13.33 -14.16 -14.96
N ALA A 102 13.78 -14.46 -13.72
CA ALA A 102 12.88 -14.77 -12.61
C ALA A 102 13.22 -13.88 -11.41
N ALA A 103 12.19 -13.56 -10.63
CA ALA A 103 12.26 -12.54 -9.58
C ALA A 103 11.45 -12.98 -8.39
N ILE A 104 12.05 -12.97 -7.20
CA ILE A 104 11.28 -13.22 -5.98
C ILE A 104 10.92 -11.86 -5.42
N CYS A 105 9.62 -11.55 -5.38
CA CYS A 105 9.11 -10.26 -4.92
C CYS A 105 8.89 -10.39 -3.42
N GLN A 106 8.82 -9.28 -2.72
CA GLN A 106 8.39 -9.25 -1.31
C GLN A 106 6.89 -9.57 -1.29
N ASP A 107 6.58 -10.78 -0.85
CA ASP A 107 5.17 -11.22 -0.76
C ASP A 107 4.34 -10.27 0.11
N CYS A 108 3.04 -10.23 -0.13
CA CYS A 108 2.17 -9.29 0.53
C CYS A 108 0.70 -9.59 0.32
N GLY A 109 -0.14 -8.87 1.06
CA GLY A 109 -1.61 -8.89 0.91
C GLY A 109 -2.32 -10.17 1.30
N ARG A 110 -1.59 -11.11 1.92
CA ARG A 110 -2.12 -12.45 2.15
C ARG A 110 -2.03 -12.89 3.62
N ARG A 111 -3.12 -13.52 4.06
CA ARG A 111 -3.26 -14.13 5.40
C ARG A 111 -2.50 -15.40 5.47
N LYS A 112 -1.87 -15.69 6.62
CA LYS A 112 -1.07 -16.92 6.78
C LYS A 112 -1.58 -17.76 7.92
N LEU A 113 -2.83 -17.48 8.27
CA LEU A 113 -3.58 -18.30 9.16
C LEU A 113 -3.93 -19.53 8.35
N ILE A 118 -13.09 3.23 14.77
CA ILE A 118 -14.06 2.73 13.79
C ILE A 118 -15.44 2.83 14.39
N VAL A 119 -16.39 3.40 13.65
CA VAL A 119 -17.80 3.46 14.08
C VAL A 119 -18.69 2.41 13.39
N GLY A 120 -19.51 1.69 14.16
CA GLY A 120 -20.40 0.71 13.57
C GLY A 120 -19.72 -0.45 12.85
N GLY A 121 -18.64 -0.94 13.43
CA GLY A 121 -17.92 -2.10 12.95
C GLY A 121 -17.94 -3.25 13.97
N ARG A 122 -16.96 -4.15 13.93
CA ARG A 122 -16.95 -5.39 14.72
C ARG A 122 -15.58 -5.64 15.30
N ASP A 123 -15.52 -6.38 16.40
CA ASP A 123 -14.24 -6.89 16.93
C ASP A 123 -13.72 -7.85 15.90
N THR A 124 -12.41 -7.76 15.63
CA THR A 124 -11.71 -8.70 14.77
C THR A 124 -10.82 -9.66 15.54
N SER A 125 -10.36 -10.69 14.83
CA SER A 125 -9.41 -11.67 15.31
C SER A 125 -8.01 -11.46 14.72
N LEU A 126 -7.04 -11.99 15.46
CA LEU A 126 -5.64 -12.08 15.07
C LEU A 126 -5.42 -12.71 13.68
N GLY A 127 -4.44 -12.14 12.98
CA GLY A 127 -4.04 -12.59 11.65
C GLY A 127 -5.01 -12.21 10.55
N ARG A 128 -6.16 -11.61 10.89
CA ARG A 128 -7.13 -11.27 9.85
C ARG A 128 -6.62 -10.10 9.01
N TRP A 129 -6.01 -9.13 9.70
CA TRP A 129 -5.42 -7.92 9.11
C TRP A 129 -3.97 -7.70 9.60
N PRO A 130 -3.04 -8.58 9.22
CA PRO A 130 -1.68 -8.66 9.79
C PRO A 130 -0.72 -7.50 9.41
N TRP A 131 -1.14 -6.64 8.50
CA TRP A 131 -0.44 -5.39 8.22
C TRP A 131 -0.82 -4.23 9.15
N GLN A 132 -1.84 -4.40 9.99
CA GLN A 132 -2.27 -3.28 10.84
C GLN A 132 -1.26 -3.04 11.93
N VAL A 133 -0.76 -1.81 12.05
CA VAL A 133 0.05 -1.44 13.20
C VAL A 133 -0.61 -0.31 13.99
N SER A 134 -0.20 -0.21 15.26
CA SER A 134 -0.61 0.90 16.11
C SER A 134 0.61 1.77 16.30
N LEU A 135 0.42 3.05 16.03
CA LEU A 135 1.44 4.04 16.25
C LEU A 135 1.14 4.87 17.54
N ARG A 136 2.04 4.72 18.52
CA ARG A 136 1.90 5.26 19.87
C ARG A 136 2.97 6.28 20.12
N TYR A 137 2.57 7.39 20.70
CA TYR A 137 3.49 8.39 21.18
C TYR A 137 3.25 8.46 22.69
N ASP A 138 4.32 8.43 23.47
CA ASP A 138 4.22 8.52 24.93
C ASP A 138 3.18 7.58 25.54
N GLY A 139 3.02 6.37 25.01
CA GLY A 139 2.17 5.35 25.62
C GLY A 139 0.75 5.30 25.11
N ALA A 140 0.22 6.40 24.59
CA ALA A 140 -1.12 6.41 23.92
C ALA A 140 -1.11 6.21 22.39
N HIS A 141 -2.07 5.41 21.95
CA HIS A 141 -2.38 5.22 20.56
C HIS A 141 -2.89 6.53 19.94
N LEU A 142 -2.15 7.04 18.97
CA LEU A 142 -2.58 8.23 18.22
C LEU A 142 -3.07 7.86 16.80
N CYS A 143 -2.38 6.91 16.13
CA CYS A 143 -2.58 6.62 14.70
C CYS A 143 -2.38 5.14 14.31
N GLY A 144 -3.02 4.74 13.23
CA GLY A 144 -2.79 3.44 12.65
C GLY A 144 -1.74 3.56 11.56
N GLY A 145 -1.28 2.43 11.08
CA GLY A 145 -0.39 2.39 9.94
C GLY A 145 -0.43 1.01 9.32
N SER A 146 0.12 0.87 8.12
CA SER A 146 0.08 -0.39 7.37
C SER A 146 1.48 -0.82 7.01
N LEU A 147 1.84 -2.03 7.43
CA LEU A 147 3.18 -2.58 7.13
C LEU A 147 3.29 -2.75 5.61
N LEU A 148 4.38 -2.25 5.05
CA LEU A 148 4.77 -2.55 3.65
C LEU A 148 5.95 -3.55 3.54
N SER A 149 6.72 -3.62 4.60
CA SER A 149 7.74 -4.66 4.75
C SER A 149 7.84 -4.85 6.28
N GLY A 150 8.83 -5.61 6.78
CA GLY A 150 9.09 -5.66 8.23
C GLY A 150 9.62 -4.35 8.86
N ASP A 151 10.20 -3.45 8.03
CA ASP A 151 10.82 -2.22 8.53
C ASP A 151 10.18 -0.90 8.07
N TRP A 152 9.21 -0.95 7.18
CA TRP A 152 8.53 0.23 6.68
C TRP A 152 7.02 0.22 6.95
N VAL A 153 6.51 1.35 7.43
CA VAL A 153 5.08 1.53 7.67
C VAL A 153 4.50 2.74 6.92
N LEU A 154 3.45 2.50 6.12
CA LEU A 154 2.67 3.59 5.53
C LEU A 154 1.53 4.12 6.41
N THR A 155 1.56 5.41 6.67
CA THR A 155 0.62 6.08 7.56
C THR A 155 0.35 7.47 6.99
N ALA A 156 -0.24 8.35 7.82
CA ALA A 156 -0.56 9.73 7.42
C ALA A 156 0.44 10.77 7.96
N ALA A 157 0.70 11.78 7.14
CA ALA A 157 1.51 12.90 7.57
C ALA A 157 0.96 13.56 8.84
N HIS A 158 -0.34 13.79 8.91
CA HIS A 158 -0.95 14.50 9.97
C HIS A 158 -0.81 13.86 11.32
N CYS A 159 -0.27 12.67 11.34
CA CYS A 159 0.05 11.99 12.60
C CYS A 159 1.28 12.60 13.30
N PHE A 160 1.99 13.50 12.61
CA PHE A 160 3.30 14.05 13.06
C PHE A 160 3.31 15.58 13.00
N PRO A 161 2.40 16.23 13.74
CA PRO A 161 2.45 17.71 13.90
C PRO A 161 3.59 18.11 14.82
N GLU A 162 3.75 19.40 15.10
CA GLU A 162 4.97 19.96 15.78
C GLU A 162 5.30 19.23 17.06
N ARG A 163 4.30 19.10 17.94
CA ARG A 163 4.51 18.50 19.26
C ARG A 163 4.82 17.00 19.25
N ASN A 164 4.58 16.29 18.15
CA ASN A 164 4.67 14.81 18.15
C ASN A 164 5.83 14.32 17.27
N ARG A 165 6.88 15.16 17.17
CA ARG A 165 8.05 14.95 16.31
C ARG A 165 9.34 14.48 17.01
N VAL A 166 9.24 14.10 18.29
CA VAL A 166 10.40 13.48 18.98
C VAL A 166 10.30 11.99 18.84
N LEU A 167 11.10 11.42 17.94
CA LEU A 167 11.03 10.00 17.50
C LEU A 167 11.27 8.92 18.57
N SER A 168 12.15 9.26 19.53
CA SER A 168 12.40 8.39 20.69
C SER A 168 11.11 8.14 21.45
N ARG A 169 10.11 9.01 21.23
CA ARG A 169 8.82 8.82 21.89
C ARG A 169 7.74 8.00 21.17
N TRP A 170 7.94 7.73 19.87
CA TRP A 170 7.00 6.93 19.10
C TRP A 170 7.30 5.44 19.30
N ARG A 171 6.27 4.59 19.37
CA ARG A 171 6.50 3.14 19.23
C ARG A 171 5.56 2.54 18.21
N VAL A 172 6.01 1.44 17.60
CA VAL A 172 5.20 0.74 16.61
C VAL A 172 4.77 -0.63 17.14
N PHE A 173 3.47 -0.75 17.39
CA PHE A 173 2.87 -1.93 18.01
C PHE A 173 2.21 -2.81 16.94
N ALA A 174 2.71 -4.04 16.84
CA ALA A 174 2.27 -5.02 15.85
C ALA A 174 2.08 -6.39 16.50
N GLY A 175 1.31 -7.25 15.85
CA GLY A 175 1.26 -8.66 16.22
C GLY A 175 0.11 -9.09 17.09
N ALA A 176 -0.68 -8.11 17.57
CA ALA A 176 -1.87 -8.32 18.42
C ALA A 176 -3.01 -7.38 18.03
N VAL A 177 -4.25 -7.84 18.20
CA VAL A 177 -5.45 -6.99 18.06
C VAL A 177 -6.01 -6.30 19.36
N ALA A 178 -5.54 -6.73 20.54
CA ALA A 178 -5.94 -6.03 21.76
C ALA A 178 -4.83 -5.10 22.13
N GLN A 179 -5.20 -3.85 22.38
CA GLN A 179 -4.22 -2.80 22.77
C GLN A 179 -3.35 -3.19 23.99
N ALA A 180 -3.85 -4.03 24.86
CA ALA A 180 -3.10 -4.39 26.05
C ALA A 180 -2.44 -5.77 25.93
N SER A 181 -2.35 -6.35 24.74
CA SER A 181 -1.81 -7.71 24.66
C SER A 181 -0.32 -7.82 25.05
N GLY A 184 2.53 -9.60 21.70
CA GLY A 184 2.68 -8.54 20.67
C GLY A 184 4.07 -7.90 20.66
N LEU A 185 4.46 -7.20 19.57
CA LEU A 185 5.82 -6.58 19.44
C LEU A 185 5.77 -5.07 19.25
N GLN A 186 6.63 -4.37 20.00
CA GLN A 186 6.58 -2.92 20.14
C GLN A 186 7.99 -2.35 19.89
N LEU A 187 8.22 -1.81 18.67
CA LEU A 187 9.56 -1.38 18.22
C LEU A 187 9.75 0.14 17.99
N GLY A 188 11.00 0.58 18.01
CA GLY A 188 11.32 1.98 17.81
C GLY A 188 11.20 2.46 16.37
N VAL A 189 11.37 3.76 16.21
CA VAL A 189 11.31 4.41 14.94
C VAL A 189 12.65 5.09 14.69
N GLN A 190 13.25 4.79 13.55
CA GLN A 190 14.50 5.44 13.12
C GLN A 190 14.24 6.75 12.38
N ALA A 191 13.22 6.78 11.52
CA ALA A 191 12.95 7.98 10.71
C ALA A 191 11.50 8.12 10.32
N VAL A 192 11.05 9.34 10.06
CA VAL A 192 9.76 9.57 9.38
C VAL A 192 9.93 10.43 8.14
N VAL A 193 9.60 9.87 6.99
CA VAL A 193 9.58 10.58 5.70
C VAL A 193 8.15 11.03 5.36
N TYR A 194 7.86 12.31 5.56
CA TYR A 194 6.54 12.79 5.25
C TYR A 194 6.59 13.54 3.94
N HIS A 195 5.41 13.66 3.32
CA HIS A 195 5.26 14.38 2.07
C HIS A 195 5.34 15.91 2.27
N GLY A 196 6.27 16.54 1.54
CA GLY A 196 6.46 18.00 1.51
C GLY A 196 5.40 18.81 0.78
N GLY A 197 4.56 18.14 0.03
CA GLY A 197 3.34 18.75 -0.50
C GLY A 197 2.20 18.80 0.50
N TYR A 198 2.46 18.38 1.75
CA TYR A 198 1.44 18.42 2.79
C TYR A 198 1.46 19.81 3.42
N LEU A 199 0.61 20.69 2.92
CA LEU A 199 0.64 22.12 3.32
C LEU A 199 0.45 22.36 4.81
N PRO A 200 -0.41 21.59 5.49
CA PRO A 200 -0.54 21.89 6.93
C PRO A 200 0.74 21.70 7.78
N PHE A 201 1.53 20.67 7.51
CA PHE A 201 2.77 20.44 8.28
C PHE A 201 3.74 21.64 8.19
N ARG A 202 3.68 22.42 7.10
CA ARG A 202 4.66 23.49 6.80
C ARG A 202 4.36 24.79 7.53
N PRO A 204 0.36 26.19 9.17
CA PRO A 204 -0.10 27.51 8.77
C PRO A 204 -1.38 28.07 9.44
N ASN A 205 -2.48 27.31 9.57
CA ASN A 205 -2.68 25.96 9.05
C ASN A 205 -3.65 25.96 7.89
N SER A 206 -3.42 25.05 6.94
CA SER A 206 -4.11 25.09 5.65
C SER A 206 -5.49 24.43 5.70
N GLU A 208 -6.54 22.37 3.56
CA GLU A 208 -6.04 21.63 2.38
C GLU A 208 -5.23 20.38 2.74
N ASN A 209 -5.89 19.23 2.77
CA ASN A 209 -5.27 18.01 3.24
C ASN A 209 -4.75 17.06 2.12
N SER A 210 -4.27 17.59 1.00
CA SER A 210 -3.67 16.71 -0.04
C SER A 210 -2.21 16.27 0.36
N ASN A 211 -1.84 15.06 -0.07
CA ASN A 211 -0.52 14.57 0.20
C ASN A 211 -0.40 14.20 1.67
N ASP A 212 -1.53 13.83 2.29
CA ASP A 212 -1.55 13.33 3.63
C ASP A 212 -1.07 11.87 3.70
N ILE A 213 0.24 11.72 3.72
CA ILE A 213 0.91 10.42 3.58
C ILE A 213 2.28 10.57 4.21
N ALA A 214 2.68 9.58 5.02
CA ALA A 214 4.07 9.46 5.55
C ALA A 214 4.54 8.00 5.68
N LEU A 215 5.85 7.82 5.65
CA LEU A 215 6.50 6.52 5.83
C LEU A 215 7.24 6.47 7.16
N VAL A 216 7.01 5.43 7.95
CA VAL A 216 7.75 5.23 9.17
C VAL A 216 8.80 4.10 8.97
N HIS A 217 10.07 4.48 9.13
CA HIS A 217 11.11 3.49 9.13
C HIS A 217 11.45 3.04 10.56
N LEU A 218 11.17 1.79 10.89
CA LEU A 218 11.44 1.29 12.24
C LEU A 218 12.95 1.09 12.42
N SER A 219 13.47 1.31 13.62
CA SER A 219 14.92 1.10 13.89
C SER A 219 15.36 -0.35 13.78
N SER A 220 14.40 -1.27 13.71
CA SER A 220 14.70 -2.66 13.42
C SER A 220 13.47 -3.31 12.81
N PRO A 221 13.67 -4.32 11.94
CA PRO A 221 12.56 -4.98 11.26
C PRO A 221 11.81 -5.93 12.17
N LEU A 222 10.53 -6.07 11.89
CA LEU A 222 9.68 -6.96 12.60
C LEU A 222 9.83 -8.27 11.93
N PRO A 223 9.60 -9.35 12.68
CA PRO A 223 9.57 -10.65 12.03
C PRO A 223 8.32 -10.80 11.21
N LEU A 224 8.37 -11.57 10.13
CA LEU A 224 7.13 -11.86 9.42
C LEU A 224 6.58 -13.23 9.96
N THR A 225 5.35 -13.18 10.49
CA THR A 225 4.64 -14.33 11.04
C THR A 225 3.24 -14.40 10.51
N GLU A 226 2.46 -15.31 11.07
CA GLU A 226 1.05 -15.42 10.77
C GLU A 226 0.25 -14.25 11.33
N TYR A 227 0.89 -13.46 12.19
CA TYR A 227 0.27 -12.25 12.80
C TYR A 227 0.82 -10.92 12.27
N ILE A 228 1.89 -10.97 11.47
CA ILE A 228 2.58 -9.77 11.02
C ILE A 228 2.98 -10.01 9.56
N GLN A 229 2.38 -9.27 8.63
CA GLN A 229 2.57 -9.47 7.20
C GLN A 229 2.38 -8.16 6.50
N PRO A 230 3.05 -7.94 5.36
CA PRO A 230 2.76 -6.71 4.66
C PRO A 230 1.48 -6.77 3.83
N VAL A 231 0.99 -5.56 3.50
CA VAL A 231 0.01 -5.37 2.48
C VAL A 231 0.73 -5.06 1.21
N CYS A 232 0.06 -5.44 0.11
CA CYS A 232 0.43 -5.02 -1.23
C CYS A 232 -0.01 -3.62 -1.47
N LEU A 233 0.52 -3.01 -2.55
CA LEU A 233 0.11 -1.71 -3.07
C LEU A 233 -0.71 -1.91 -4.31
N PRO A 234 -1.53 -0.89 -4.70
CA PRO A 234 -2.17 -0.89 -6.03
C PRO A 234 -1.13 -1.07 -7.10
N ALA A 235 -1.42 -1.89 -8.10
CA ALA A 235 -0.50 -2.15 -9.20
C ALA A 235 -0.50 -0.94 -10.09
N ALA A 236 0.49 -0.85 -10.98
CA ALA A 236 0.63 0.37 -11.80
C ALA A 236 -0.55 0.53 -12.78
N GLY A 237 -1.19 1.69 -12.71
CA GLY A 237 -2.37 1.99 -13.52
C GLY A 237 -3.65 1.38 -13.00
N GLN A 238 -3.65 0.87 -11.77
CA GLN A 238 -4.85 0.19 -11.25
C GLN A 238 -5.82 1.22 -10.70
N ALA A 239 -7.03 1.17 -11.26
CA ALA A 239 -8.06 2.15 -10.95
C ALA A 239 -8.78 1.79 -9.67
N LEU A 240 -9.26 2.80 -8.98
CA LEU A 240 -10.14 2.65 -7.84
C LEU A 240 -11.50 2.45 -8.48
N VAL A 241 -12.20 1.37 -8.09
CA VAL A 241 -13.49 1.01 -8.73
C VAL A 241 -14.63 1.42 -7.82
N ASP A 242 -15.51 2.26 -8.33
CA ASP A 242 -16.50 2.94 -7.53
C ASP A 242 -17.52 1.90 -7.17
N GLY A 243 -18.19 2.10 -6.03
CA GLY A 243 -19.08 1.09 -5.50
C GLY A 243 -18.39 -0.12 -4.87
N LYS A 244 -17.12 -0.37 -5.14
CA LYS A 244 -16.50 -1.55 -4.55
C LYS A 244 -16.40 -1.44 -3.04
N ILE A 245 -16.71 -2.54 -2.38
CA ILE A 245 -16.71 -2.65 -0.93
C ILE A 245 -15.32 -3.06 -0.48
N CYS A 246 -14.65 -2.20 0.28
CA CYS A 246 -13.36 -2.54 0.86
C CYS A 246 -13.50 -2.47 2.38
N THR A 247 -12.40 -2.57 3.10
CA THR A 247 -12.45 -2.79 4.55
C THR A 247 -11.55 -1.77 5.16
N VAL A 248 -12.01 -1.10 6.21
CA VAL A 248 -11.16 -0.25 7.02
C VAL A 248 -11.03 -0.80 8.40
N THR A 249 -9.84 -0.80 8.95
CA THR A 249 -9.65 -1.31 10.30
C THR A 249 -8.90 -0.29 11.13
N GLY A 250 -8.99 -0.41 12.46
CA GLY A 250 -8.25 0.48 13.37
C GLY A 250 -8.70 0.43 14.82
N TRP A 251 -7.93 1.07 15.68
CA TRP A 251 -8.23 1.17 17.12
C TRP A 251 -8.82 2.56 17.48
N GLY A 252 -9.33 3.27 16.46
CA GLY A 252 -9.91 4.59 16.66
C GLY A 252 -11.18 4.52 17.51
N ASN A 253 -11.69 5.70 17.84
CA ASN A 253 -12.92 5.90 18.58
C ASN A 253 -14.12 5.26 17.91
N THR A 254 -14.98 4.63 18.71
CA THR A 254 -16.13 3.92 18.17
C THR A 254 -17.35 4.83 18.08
N GLN A 255 -17.22 6.03 18.65
CA GLN A 255 -18.13 7.15 18.44
C GLN A 255 -17.22 8.42 18.49
N TYR A 256 -17.55 9.51 17.80
CA TYR A 256 -16.59 10.63 17.78
C TYR A 256 -16.26 11.07 19.18
N TYR A 257 -17.28 11.15 20.03
CA TYR A 257 -17.14 11.61 21.41
C TYR A 257 -16.96 10.46 22.37
N GLY A 258 -16.21 9.44 21.92
CA GLY A 258 -16.16 8.13 22.60
C GLY A 258 -14.76 7.74 22.98
N GLN A 259 -14.55 6.44 23.14
CA GLN A 259 -13.32 5.89 23.70
C GLN A 259 -12.72 5.14 22.58
N GLN A 260 -11.44 4.94 22.61
CA GLN A 260 -10.84 4.06 21.62
C GLN A 260 -11.27 2.64 21.88
N ALA A 261 -11.29 1.87 20.82
CA ALA A 261 -11.57 0.46 20.91
C ALA A 261 -10.40 -0.22 21.59
N GLY A 262 -10.70 -1.19 22.45
CA GLY A 262 -9.67 -1.98 23.11
C GLY A 262 -9.27 -3.13 22.20
N VAL A 263 -10.09 -3.41 21.18
CA VAL A 263 -9.85 -4.52 20.27
C VAL A 263 -10.06 -4.05 18.88
N LEU A 264 -9.06 -4.28 18.04
CA LEU A 264 -8.99 -3.77 16.66
C LEU A 264 -10.32 -4.01 15.99
N GLN A 265 -10.87 -3.01 15.34
CA GLN A 265 -12.18 -3.15 14.70
C GLN A 265 -12.05 -3.22 13.18
N GLU A 266 -13.03 -3.82 12.53
CA GLU A 266 -13.15 -3.79 11.08
C GLU A 266 -14.54 -3.36 10.68
N ALA A 267 -14.61 -2.71 9.52
CA ALA A 267 -15.84 -2.20 8.98
C ALA A 267 -15.73 -2.27 7.48
N ARG A 268 -16.85 -2.56 6.82
CA ARG A 268 -16.92 -2.69 5.36
C ARG A 268 -17.52 -1.42 4.81
N VAL A 269 -16.88 -0.79 3.83
CA VAL A 269 -17.40 0.47 3.27
C VAL A 269 -17.17 0.57 1.76
N PRO A 270 -18.19 1.00 1.02
CA PRO A 270 -17.99 1.17 -0.44
C PRO A 270 -17.28 2.46 -0.79
N ILE A 271 -16.51 2.41 -1.87
CA ILE A 271 -15.95 3.59 -2.50
C ILE A 271 -17.11 4.43 -3.09
N ILE A 272 -17.03 5.73 -2.92
CA ILE A 272 -18.04 6.62 -3.39
C ILE A 272 -17.35 7.50 -4.39
N SER A 273 -18.00 7.64 -5.54
CA SER A 273 -17.48 8.44 -6.66
C SER A 273 -17.32 9.87 -6.21
N ASN A 274 -16.36 10.53 -6.80
CA ASN A 274 -16.14 11.94 -6.57
C ASN A 274 -17.28 12.79 -7.08
N ASP A 275 -18.01 12.27 -8.06
CA ASP A 275 -19.20 12.94 -8.59
C ASP A 275 -20.13 13.28 -7.43
N VAL A 276 -20.63 12.23 -6.77
CA VAL A 276 -21.42 12.33 -5.56
C VAL A 276 -20.62 13.03 -4.47
N CYS A 277 -19.42 12.56 -4.14
CA CYS A 277 -18.71 13.12 -2.95
C CYS A 277 -18.39 14.61 -3.01
N ASN A 278 -18.07 15.09 -4.17
CA ASN A 278 -17.82 16.49 -4.30
C ASN A 278 -19.06 17.34 -4.32
N GLY A 279 -20.19 16.74 -4.67
CA GLY A 279 -21.49 17.34 -4.57
C GLY A 279 -21.75 18.12 -3.30
N ALA A 280 -22.59 19.14 -3.38
CA ALA A 280 -22.80 20.06 -2.28
C ALA A 280 -23.45 19.40 -1.08
N ASP A 281 -24.27 18.39 -1.38
CA ASP A 281 -24.90 17.50 -0.44
C ASP A 281 -23.85 16.81 0.44
N PHE A 282 -22.73 16.48 -0.16
CA PHE A 282 -21.61 15.93 0.51
C PHE A 282 -20.37 16.63 1.00
N TYR A 283 -19.47 16.94 0.09
CA TYR A 283 -18.27 17.60 0.52
C TYR A 283 -17.90 18.91 -0.18
N GLY A 284 -18.68 19.32 -1.17
CA GLY A 284 -18.55 20.63 -1.84
C GLY A 284 -17.20 20.97 -2.44
N ASN A 285 -16.69 20.12 -3.33
CA ASN A 285 -15.37 20.34 -4.02
C ASN A 285 -14.12 20.25 -3.12
N GLN A 286 -14.30 19.86 -1.86
CA GLN A 286 -13.17 19.64 -0.95
C GLN A 286 -12.37 18.35 -1.27
N ILE A 287 -12.97 17.45 -2.05
CA ILE A 287 -12.32 16.20 -2.35
C ILE A 287 -11.37 16.38 -3.54
N LYS A 288 -10.08 16.52 -3.22
CA LYS A 288 -9.07 16.77 -4.21
C LYS A 288 -8.71 15.43 -4.90
N PRO A 289 -8.11 15.48 -6.11
CA PRO A 289 -8.01 14.25 -6.96
C PRO A 289 -7.14 13.08 -6.42
N LYS A 290 -6.26 13.37 -5.45
CA LYS A 290 -5.53 12.31 -4.77
C LYS A 290 -6.21 11.93 -3.46
N MET A 291 -7.53 12.18 -3.39
CA MET A 291 -8.35 11.81 -2.26
C MET A 291 -9.54 11.14 -2.83
N PHE A 292 -10.09 10.21 -2.07
CA PHE A 292 -11.40 9.68 -2.39
C PHE A 292 -12.20 9.47 -1.11
N CYS A 293 -13.47 9.18 -1.27
CA CYS A 293 -14.38 9.01 -0.16
C CYS A 293 -14.79 7.59 -0.11
N ALA A 294 -15.05 7.09 1.09
CA ALA A 294 -15.71 5.81 1.22
C ALA A 294 -16.61 5.86 2.42
N GLY A 295 -17.69 5.07 2.36
CA GLY A 295 -18.79 5.06 3.32
C GLY A 295 -20.21 4.97 2.68
N TYR A 296 -21.21 5.36 3.48
CA TYR A 296 -22.58 5.18 3.14
C TYR A 296 -23.24 6.54 3.18
N PRO A 297 -24.03 6.88 2.13
CA PRO A 297 -24.84 8.09 2.16
C PRO A 297 -25.56 8.27 3.49
N GLU A 298 -26.06 7.17 4.06
CA GLU A 298 -26.76 7.18 5.34
C GLU A 298 -25.85 7.45 6.57
N GLY A 299 -24.54 7.22 6.45
CA GLY A 299 -23.58 7.37 7.56
C GLY A 299 -23.54 6.07 8.30
N GLY A 300 -23.27 6.12 9.60
CA GLY A 300 -23.39 4.95 10.48
C GLY A 300 -22.19 4.01 10.57
N ILE A 301 -21.55 3.79 9.44
CA ILE A 301 -20.30 3.04 9.40
C ILE A 301 -19.21 3.96 8.84
N ASP A 302 -18.13 4.14 9.61
CA ASP A 302 -17.08 5.08 9.17
C ASP A 302 -15.87 4.85 10.03
N ALA A 303 -14.73 5.31 9.55
CA ALA A 303 -13.52 5.43 10.34
C ALA A 303 -13.62 6.65 11.25
N CYS A 304 -12.69 6.78 12.21
CA CYS A 304 -12.76 7.92 13.13
C CYS A 304 -11.39 8.32 13.72
N GLN A 305 -11.47 9.33 14.58
CA GLN A 305 -10.34 9.80 15.35
C GLN A 305 -9.52 8.59 15.89
N GLY A 306 -8.25 8.53 15.51
CA GLY A 306 -7.36 7.42 15.88
C GLY A 306 -7.19 6.27 14.90
N ASP A 307 -8.06 6.23 13.88
CA ASP A 307 -7.91 5.32 12.76
C ASP A 307 -7.03 6.00 11.70
N SER A 308 -6.85 7.32 11.83
CA SER A 308 -5.97 8.13 10.96
C SER A 308 -4.64 7.45 10.70
N GLY A 309 -4.24 7.41 9.43
CA GLY A 309 -3.06 6.63 9.05
C GLY A 309 -3.29 5.16 8.75
N GLY A 310 -4.36 4.55 9.26
CA GLY A 310 -4.58 3.10 9.14
C GLY A 310 -5.00 2.69 7.74
N PRO A 311 -5.20 1.36 7.51
CA PRO A 311 -5.47 0.78 6.20
C PRO A 311 -6.91 0.88 5.71
N PHE A 312 -7.05 1.33 4.47
CA PHE A 312 -8.25 1.05 3.73
C PHE A 312 -7.86 0.03 2.68
N VAL A 313 -8.38 -1.21 2.80
CA VAL A 313 -7.88 -2.32 1.97
C VAL A 313 -8.99 -2.96 1.12
N CYS A 314 -8.59 -3.37 -0.09
CA CYS A 314 -9.50 -3.89 -1.11
C CYS A 314 -8.86 -5.12 -1.68
N GLU A 315 -9.67 -6.17 -1.77
CA GLU A 315 -9.22 -7.49 -2.22
C GLU A 315 -9.55 -7.73 -3.70
N ASP A 316 -8.55 -8.14 -4.48
CA ASP A 316 -8.75 -8.47 -5.90
C ASP A 316 -8.06 -9.80 -6.23
N SER A 317 -8.22 -10.25 -7.48
CA SER A 317 -7.49 -11.43 -7.95
C SER A 317 -6.66 -11.18 -9.20
N ILE A 318 -6.25 -9.94 -9.42
CA ILE A 318 -5.57 -9.59 -10.68
C ILE A 318 -4.17 -10.20 -10.81
N SER A 319 -3.55 -10.61 -9.69
CA SER A 319 -2.30 -11.39 -9.70
C SER A 319 -2.52 -12.93 -9.74
N ARG A 320 -3.73 -13.35 -10.10
CA ARG A 320 -4.06 -14.77 -10.25
C ARG A 320 -4.16 -15.50 -8.90
N THR A 321 -4.21 -14.74 -7.81
CA THR A 321 -4.38 -15.27 -6.45
C THR A 321 -4.96 -14.15 -5.56
N PRO A 322 -5.88 -14.48 -4.66
CA PRO A 322 -6.48 -13.35 -3.94
C PRO A 322 -5.49 -12.48 -3.10
N ARG A 323 -5.54 -11.15 -3.29
CA ARG A 323 -4.65 -10.27 -2.53
C ARG A 323 -5.30 -8.95 -2.01
N TRP A 324 -4.99 -8.62 -0.76
CA TRP A 324 -5.38 -7.31 -0.21
C TRP A 324 -4.38 -6.21 -0.62
N ARG A 325 -4.86 -5.06 -1.06
CA ARG A 325 -3.97 -3.95 -1.39
C ARG A 325 -4.45 -2.67 -0.68
N LEU A 326 -3.48 -1.96 -0.13
CA LEU A 326 -3.72 -0.70 0.56
C LEU A 326 -4.10 0.36 -0.44
N CYS A 327 -5.41 0.54 -0.67
CA CYS A 327 -5.87 1.53 -1.66
C CYS A 327 -6.05 2.95 -1.02
N GLY A 328 -6.31 3.00 0.29
CA GLY A 328 -6.48 4.29 0.95
C GLY A 328 -5.81 4.37 2.28
N ILE A 329 -5.60 5.61 2.73
CA ILE A 329 -5.12 5.85 4.09
C ILE A 329 -6.15 6.73 4.77
N VAL A 330 -6.53 6.43 6.01
CA VAL A 330 -7.51 7.26 6.72
C VAL A 330 -6.93 8.66 6.88
N SER A 331 -7.57 9.63 6.26
CA SER A 331 -7.03 10.98 6.27
C SER A 331 -7.88 11.92 7.12
N TRP A 332 -9.15 12.12 6.76
CA TRP A 332 -10.02 13.06 7.46
C TRP A 332 -11.51 12.86 7.19
N GLY A 333 -12.30 13.57 7.97
CA GLY A 333 -13.75 13.63 7.77
C GLY A 333 -14.37 14.63 8.72
N THR A 334 -15.58 15.06 8.38
CA THR A 334 -16.29 16.03 9.20
C THR A 334 -17.10 15.21 10.18
N GLY A 335 -16.59 15.10 11.38
CA GLY A 335 -17.20 14.23 12.39
C GLY A 335 -16.97 12.78 11.98
N CYS A 336 -17.71 11.87 12.62
CA CYS A 336 -17.62 10.47 12.31
C CYS A 336 -19.01 9.89 12.09
N ALA A 337 -19.13 9.07 11.05
CA ALA A 337 -20.37 8.30 10.75
C ALA A 337 -21.61 9.17 10.50
N LEU A 338 -21.36 10.40 10.03
CA LEU A 338 -22.43 11.32 9.73
C LEU A 338 -23.03 11.03 8.36
N ALA A 339 -24.36 11.08 8.30
CA ALA A 339 -25.04 10.98 7.03
C ALA A 339 -24.48 12.06 6.07
N GLN A 340 -24.16 11.65 4.84
CA GLN A 340 -23.66 12.53 3.77
C GLN A 340 -22.29 13.19 4.06
N LYS A 341 -21.53 12.63 5.00
CA LYS A 341 -20.18 13.06 5.29
C LYS A 341 -19.26 11.82 5.39
N PRO A 342 -18.97 11.17 4.24
CA PRO A 342 -18.21 9.91 4.39
C PRO A 342 -16.73 10.11 4.77
N GLY A 343 -16.01 9.01 4.89
CA GLY A 343 -14.59 9.07 5.20
C GLY A 343 -13.78 9.52 3.99
N VAL A 344 -12.78 10.36 4.23
CA VAL A 344 -11.91 10.75 3.14
C VAL A 344 -10.56 10.09 3.38
N TYR A 345 -9.99 9.57 2.29
CA TYR A 345 -8.79 8.75 2.37
C TYR A 345 -7.77 9.28 1.41
N THR A 346 -6.49 9.11 1.74
CA THR A 346 -5.44 9.36 0.75
C THR A 346 -5.44 8.26 -0.33
N LYS A 347 -5.44 8.65 -1.61
CA LYS A 347 -5.41 7.71 -2.75
C LYS A 347 -4.00 7.14 -2.96
N VAL A 348 -3.73 5.98 -2.39
CA VAL A 348 -2.36 5.43 -2.35
C VAL A 348 -1.72 5.25 -3.75
N SER A 349 -2.53 4.79 -4.72
CA SER A 349 -2.03 4.57 -6.10
C SER A 349 -1.37 5.81 -6.70
N ASP A 350 -1.80 7.00 -6.26
CA ASP A 350 -1.25 8.25 -6.78
C ASP A 350 0.11 8.55 -6.16
N PHE A 351 0.55 7.77 -5.18
CA PHE A 351 1.82 8.04 -4.46
C PHE A 351 2.80 6.85 -4.56
N ARG A 352 2.57 5.94 -5.53
CA ARG A 352 3.44 4.78 -5.77
C ARG A 352 4.91 5.13 -6.04
N GLU A 353 5.17 6.09 -6.94
CA GLU A 353 6.53 6.44 -7.23
C GLU A 353 7.13 7.20 -6.06
N TRP A 354 6.29 7.89 -5.29
CA TRP A 354 6.75 8.63 -4.11
C TRP A 354 7.20 7.66 -3.02
N ILE A 355 6.42 6.60 -2.84
CA ILE A 355 6.80 5.57 -1.89
C ILE A 355 8.17 4.90 -2.27
N PHE A 356 8.34 4.49 -3.53
CA PHE A 356 9.56 3.85 -3.97
C PHE A 356 10.80 4.77 -3.90
N GLN A 357 10.68 5.99 -4.45
CA GLN A 357 11.71 7.03 -4.35
C GLN A 357 12.12 7.30 -2.88
N ALA A 358 11.15 7.40 -2.00
CA ALA A 358 11.43 7.70 -0.59
C ALA A 358 12.28 6.62 0.09
N ILE A 359 11.90 5.37 -0.14
CA ILE A 359 12.60 4.21 0.39
C ILE A 359 13.94 4.00 -0.29
N LYS A 360 14.01 4.29 -1.59
CA LYS A 360 15.26 4.16 -2.33
C LYS A 360 16.26 5.24 -1.86
N THR A 361 15.76 6.41 -1.50
CA THR A 361 16.55 7.57 -1.13
C THR A 361 16.85 7.71 0.39
N HIS A 362 15.86 7.42 1.24
CA HIS A 362 15.99 7.71 2.67
C HIS A 362 16.07 6.46 3.54
N SER A 363 16.66 5.38 3.02
CA SER A 363 16.72 4.11 3.78
C SER A 363 17.63 4.16 4.97
N GLU A 364 18.66 4.99 4.90
CA GLU A 364 19.61 5.10 6.01
C GLU A 364 19.39 6.34 6.85
N ALA A 365 18.38 7.14 6.52
CA ALA A 365 18.19 8.43 7.19
C ALA A 365 17.71 8.27 8.65
N SER A 366 17.99 9.28 9.51
CA SER A 366 17.33 9.43 10.81
C SER A 366 16.55 10.78 10.96
N GLY A 367 15.52 10.77 11.79
CA GLY A 367 14.77 11.98 12.10
C GLY A 367 13.64 12.15 11.11
N MET A 368 13.13 13.37 11.10
CA MET A 368 12.04 13.77 10.24
C MET A 368 12.65 14.23 8.92
N VAL A 369 12.33 13.55 7.84
CA VAL A 369 12.76 13.94 6.51
C VAL A 369 11.58 14.29 5.60
N THR A 370 11.70 15.40 4.89
CA THR A 370 10.67 15.83 3.93
C THR A 370 11.02 15.32 2.54
N GLN A 371 10.03 14.77 1.85
CA GLN A 371 10.24 14.30 0.50
C GLN A 371 9.10 14.87 -0.33
N LEU A 372 9.46 15.77 -1.24
CA LEU A 372 8.54 16.29 -2.23
C LEU A 372 8.68 15.33 -3.41
N1 50K B . -15.19 10.35 9.45
N3 50K B . -9.67 12.10 12.17
C4 50K B . -11.45 10.08 9.58
C5 50K B . -13.90 9.97 9.20
C6 50K B . -11.79 11.87 11.68
C7 50K B . -10.52 11.46 11.30
C8 50K B . -10.36 12.90 13.06
C10 50K B . -9.66 13.72 14.11
C13 50K B . -9.52 15.46 15.81
C15 50K B . -6.16 13.69 15.27
C17 50K B . -3.74 14.19 15.38
C20 50K B . -5.99 12.34 15.97
O1 50K B . -5.80 13.57 13.89
C19 50K B . -4.63 11.74 15.61
C18 50K B . -3.46 12.72 15.77
C16 50K B . -5.14 14.68 15.81
C11 50K B . -7.60 14.13 15.21
N4 50K B . -8.36 13.46 14.32
C12 50K B . -8.17 15.16 15.99
C14 50K B . -10.27 14.74 14.87
C1 50K B . -10.34 10.56 10.26
C9 50K B . -11.71 12.79 12.77
C2 50K B . -12.90 11.40 10.99
C3 50K B . -12.73 10.51 9.93
N2 50K B . -13.61 9.08 8.34
#